data_3OSU
#
_entry.id   3OSU
#
_cell.length_a   64.06
_cell.length_b   64.06
_cell.length_c   183.89
_cell.angle_alpha   90.0
_cell.angle_beta   90.0
_cell.angle_gamma   120.0
#
_symmetry.space_group_name_H-M   'P 31 2 1'
#
loop_
_entity.id
_entity.type
_entity.pdbx_description
1 polymer '3-oxoacyl-[acyl-carrier-protein] reductase'
2 non-polymer DI(HYDROXYETHYL)ETHER
3 non-polymer 'MAGNESIUM ION'
4 non-polymer 'PHOSPHATE ION'
5 water water
#
_entity_poly.entity_id   1
_entity_poly.type   'polypeptide(L)'
_entity_poly.pdbx_seq_one_letter_code
;(MSE)K(MSE)TKSALVTGASRGIGRSIALQLAEEGYNVAVNYAGSKEKAEAVVEEIKAKGVDSFAIQANVADADEVKA
(MSE)IKEVVSQFGSLDVLVNNAGITRDNLL(MSE)R(MSE)KEQEWDDVIDTNLKGVFNCIQKATPQ(MSE)LRQRSGA
IINLSSVVGAVGNPGQANYVATKAGVIGLTKSAARELASRGITVNAVAPGFIVSD(MSE)TDALSDELKEQ(MSE)LTQI
PLARFGQDTDIANTVAFLASDKAKYITGQTIHVNGG(MSE)Y(MSE)
;
_entity_poly.pdbx_strand_id   A,B
#
# COMPACT_ATOMS: atom_id res chain seq x y z
N LYS A 2 14.34 -12.38 33.55
CA LYS A 2 13.12 -12.07 32.81
C LYS A 2 12.78 -10.60 32.97
N THR A 4 10.94 -6.83 32.56
CA THR A 4 9.59 -6.34 32.77
C THR A 4 8.88 -6.08 31.43
N LYS A 5 9.65 -5.98 30.35
CA LYS A 5 9.09 -5.68 29.03
C LYS A 5 9.48 -6.68 27.94
N SER A 6 8.58 -6.89 26.98
CA SER A 6 8.80 -7.96 26.03
C SER A 6 8.45 -7.56 24.60
N ALA A 7 9.15 -8.14 23.65
CA ALA A 7 8.99 -7.82 22.23
C ALA A 7 8.79 -9.08 21.40
N LEU A 8 8.04 -8.93 20.32
CA LEU A 8 7.93 -9.96 19.29
C LEU A 8 8.46 -9.37 17.98
N VAL A 9 9.34 -10.09 17.30
CA VAL A 9 9.83 -9.65 15.99
C VAL A 9 9.48 -10.71 14.95
N THR A 10 8.79 -10.32 13.88
CA THR A 10 8.44 -11.29 12.84
C THR A 10 9.57 -11.42 11.81
N GLY A 11 9.75 -12.62 11.25
CA GLY A 11 10.81 -12.85 10.29
C GLY A 11 12.19 -12.55 10.85
N ALA A 12 12.46 -13.04 12.05
CA ALA A 12 13.66 -12.63 12.78
C ALA A 12 14.80 -13.65 12.75
N SER A 13 14.76 -14.60 11.82
CA SER A 13 15.79 -15.65 11.82
C SER A 13 17.08 -15.18 11.16
N ARG A 14 17.01 -14.08 10.41
CA ARG A 14 18.23 -13.56 9.80
C ARG A 14 18.13 -12.10 9.40
N GLY A 15 19.25 -11.58 8.90
CA GLY A 15 19.34 -10.23 8.37
C GLY A 15 18.80 -9.18 9.31
N ILE A 16 17.99 -8.29 8.77
CA ILE A 16 17.49 -7.15 9.53
C ILE A 16 16.66 -7.59 10.74
N GLY A 17 15.79 -8.58 10.57
CA GLY A 17 14.94 -9.05 11.65
C GLY A 17 15.79 -9.57 12.80
N ARG A 18 16.83 -10.31 12.49
CA ARG A 18 17.72 -10.82 13.52
C ARG A 18 18.45 -9.70 14.28
N SER A 19 18.95 -8.70 13.55
CA SER A 19 19.67 -7.62 14.22
C SER A 19 18.74 -6.81 15.12
N ILE A 20 17.50 -6.62 14.66
CA ILE A 20 16.50 -5.92 15.46
C ILE A 20 16.23 -6.68 16.77
N ALA A 21 16.04 -7.99 16.67
CA ALA A 21 15.81 -8.80 17.86
C ALA A 21 17.00 -8.66 18.81
N LEU A 22 18.21 -8.77 18.28
CA LEU A 22 19.41 -8.67 19.13
C LEU A 22 19.53 -7.29 19.77
N GLN A 23 19.16 -6.24 19.03
CA GLN A 23 19.24 -4.89 19.57
C GLN A 23 18.19 -4.65 20.66
N LEU A 24 16.99 -5.18 20.47
CA LEU A 24 15.96 -5.07 21.51
C LEU A 24 16.39 -5.81 22.77
N ALA A 25 17.03 -6.96 22.58
CA ALA A 25 17.56 -7.72 23.71
C ALA A 25 18.58 -6.87 24.48
N GLU A 26 19.47 -6.22 23.75
CA GLU A 26 20.47 -5.35 24.38
C GLU A 26 19.82 -4.21 25.15
N GLU A 27 18.67 -3.73 24.67
CA GLU A 27 17.91 -2.67 25.34
C GLU A 27 17.10 -3.19 26.54
N GLY A 28 17.15 -4.51 26.77
CA GLY A 28 16.48 -5.10 27.92
C GLY A 28 15.07 -5.65 27.69
N TYR A 29 14.76 -6.01 26.44
CA TYR A 29 13.50 -6.66 26.17
C TYR A 29 13.63 -8.17 26.04
N ASN A 30 12.80 -8.93 26.71
CA ASN A 30 12.62 -10.31 26.32
C ASN A 30 12.17 -10.28 24.86
N VAL A 31 12.69 -11.19 24.04
CA VAL A 31 12.34 -11.18 22.63
C VAL A 31 11.88 -12.54 22.10
N ALA A 32 10.67 -12.57 21.54
CA ALA A 32 10.19 -13.75 20.81
C ALA A 32 10.59 -13.63 19.35
N VAL A 33 11.15 -14.71 18.83
CA VAL A 33 11.68 -14.76 17.47
C VAL A 33 10.74 -15.55 16.58
N ASN A 34 10.00 -14.86 15.70
CA ASN A 34 9.12 -15.56 14.77
C ASN A 34 9.84 -15.95 13.49
N TYR A 35 9.49 -17.11 12.96
CA TYR A 35 10.06 -17.59 11.69
C TYR A 35 8.98 -18.37 10.95
N ALA A 36 9.18 -18.58 9.66
CA ALA A 36 8.20 -19.31 8.86
C ALA A 36 8.73 -20.70 8.52
N GLY A 37 9.94 -20.76 7.99
CA GLY A 37 10.54 -22.02 7.60
C GLY A 37 11.68 -22.48 8.51
N SER A 38 12.83 -21.83 8.39
CA SER A 38 14.04 -22.34 9.03
C SER A 38 14.03 -22.23 10.56
N LYS A 39 13.70 -23.33 11.20
CA LYS A 39 13.65 -23.40 12.66
C LYS A 39 15.04 -23.36 13.28
N GLU A 40 16.00 -23.99 12.60
CA GLU A 40 17.37 -24.06 13.09
C GLU A 40 17.98 -22.67 13.22
N LYS A 41 17.78 -21.83 12.21
CA LYS A 41 18.28 -20.46 12.26
C LYS A 41 17.58 -19.65 13.36
N ALA A 42 16.28 -19.85 13.51
CA ALA A 42 15.54 -19.12 14.54
C ALA A 42 16.03 -19.50 15.94
N GLU A 43 16.29 -20.79 16.14
CA GLU A 43 16.72 -21.25 17.45
C GLU A 43 18.15 -20.81 17.80
N ALA A 44 18.99 -20.62 16.79
CA ALA A 44 20.33 -20.08 17.01
C ALA A 44 20.26 -18.61 17.44
N VAL A 45 19.34 -17.86 16.83
CA VAL A 45 19.14 -16.47 17.22
C VAL A 45 18.63 -16.39 18.66
N VAL A 46 17.72 -17.29 19.02
CA VAL A 46 17.25 -17.37 20.40
C VAL A 46 18.40 -17.54 21.38
N GLU A 47 19.37 -18.37 21.05
CA GLU A 47 20.50 -18.55 21.94
C GLU A 47 21.37 -17.29 22.00
N GLU A 48 21.52 -16.58 20.88
CA GLU A 48 22.25 -15.32 20.87
CA GLU A 48 22.26 -15.32 20.88
C GLU A 48 21.57 -14.32 21.79
N ILE A 49 20.25 -14.28 21.74
CA ILE A 49 19.46 -13.37 22.56
C ILE A 49 19.57 -13.70 24.06
N LYS A 50 19.44 -14.97 24.42
CA LYS A 50 19.60 -15.33 25.83
C LYS A 50 21.00 -14.98 26.35
N ALA A 51 21.99 -15.02 25.46
CA ALA A 51 23.34 -14.64 25.87
C ALA A 51 23.40 -13.17 26.32
N LYS A 52 22.46 -12.36 25.85
CA LYS A 52 22.35 -10.96 26.28
C LYS A 52 21.75 -10.84 27.69
N GLY A 53 21.23 -11.94 28.22
CA GLY A 53 20.73 -11.96 29.59
C GLY A 53 19.21 -11.81 29.71
N VAL A 54 18.49 -11.90 28.60
CA VAL A 54 17.04 -11.81 28.65
C VAL A 54 16.42 -13.15 28.25
N ASP A 55 15.10 -13.26 28.37
CA ASP A 55 14.44 -14.48 27.92
C ASP A 55 14.10 -14.39 26.43
N SER A 56 13.96 -15.55 25.79
CA SER A 56 13.67 -15.60 24.37
C SER A 56 13.16 -16.99 24.04
N PHE A 57 12.37 -17.10 22.98
CA PHE A 57 12.01 -18.40 22.42
C PHE A 57 11.60 -18.15 20.96
N ALA A 58 11.57 -19.23 20.18
CA ALA A 58 11.22 -19.13 18.77
C ALA A 58 9.79 -19.64 18.54
N ILE A 59 9.05 -18.94 17.69
CA ILE A 59 7.69 -19.35 17.39
C ILE A 59 7.49 -19.40 15.88
N GLN A 60 6.96 -20.52 15.40
CA GLN A 60 6.70 -20.65 13.98
C GLN A 60 5.30 -20.14 13.68
N ALA A 61 5.20 -19.25 12.70
CA ALA A 61 3.90 -18.82 12.21
C ALA A 61 4.03 -18.15 10.86
N ASN A 62 3.10 -18.47 9.96
CA ASN A 62 2.95 -17.74 8.72
C ASN A 62 2.13 -16.49 9.01
N VAL A 63 2.73 -15.31 8.84
CA VAL A 63 2.04 -14.08 9.23
C VAL A 63 0.80 -13.78 8.38
N ALA A 64 0.72 -14.37 7.19
CA ALA A 64 -0.45 -14.20 6.33
C ALA A 64 -1.67 -14.93 6.91
N ASP A 65 -1.43 -15.87 7.82
CA ASP A 65 -2.48 -16.70 8.37
C ASP A 65 -2.99 -16.13 9.71
N ALA A 66 -4.19 -15.53 9.68
CA ALA A 66 -4.75 -14.88 10.86
C ALA A 66 -4.78 -15.78 12.11
N ASP A 67 -5.12 -17.05 11.91
CA ASP A 67 -5.19 -18.01 13.03
C ASP A 67 -3.82 -18.36 13.62
N GLU A 68 -2.80 -18.51 12.78
CA GLU A 68 -1.46 -18.76 13.29
C GLU A 68 -0.96 -17.51 14.03
N VAL A 69 -1.28 -16.34 13.52
CA VAL A 69 -0.85 -15.11 14.17
C VAL A 69 -1.53 -14.97 15.53
N LYS A 70 -2.80 -15.32 15.60
CA LYS A 70 -3.49 -15.22 16.87
C LYS A 70 -2.86 -16.14 17.90
N ALA A 71 -2.54 -17.36 17.47
CA ALA A 71 -1.91 -18.33 18.37
C ALA A 71 -0.52 -17.85 18.79
N ILE A 73 0.56 -14.66 19.08
CA ILE A 73 0.42 -13.58 20.06
C ILE A 73 0.04 -14.14 21.43
N LYS A 74 -0.89 -15.09 21.45
CA LYS A 74 -1.32 -15.69 22.70
C LYS A 74 -0.14 -16.35 23.40
N GLU A 75 0.71 -17.01 22.62
CA GLU A 75 1.86 -17.69 23.19
C GLU A 75 2.91 -16.71 23.74
N VAL A 76 3.12 -15.60 23.04
CA VAL A 76 4.04 -14.58 23.53
C VAL A 76 3.54 -13.97 24.84
N VAL A 77 2.28 -13.56 24.88
CA VAL A 77 1.70 -12.98 26.08
C VAL A 77 1.73 -14.00 27.21
N SER A 78 1.48 -15.26 26.88
CA SER A 78 1.52 -16.30 27.90
C SER A 78 2.92 -16.46 28.50
N GLN A 79 3.92 -16.58 27.63
CA GLN A 79 5.30 -16.83 28.09
C GLN A 79 5.92 -15.65 28.82
N PHE A 80 5.67 -14.45 28.31
CA PHE A 80 6.31 -13.24 28.81
C PHE A 80 5.41 -12.43 29.74
N GLY A 81 4.11 -12.61 29.63
CA GLY A 81 3.18 -11.88 30.47
C GLY A 81 2.69 -10.57 29.87
N SER A 82 3.30 -10.16 28.76
CA SER A 82 2.86 -8.94 28.07
C SER A 82 3.40 -8.89 26.65
N LEU A 83 2.95 -7.90 25.88
CA LEU A 83 3.50 -7.64 24.56
C LEU A 83 3.66 -6.14 24.40
N ASP A 84 4.86 -5.66 24.61
CA ASP A 84 5.09 -4.22 24.72
C ASP A 84 5.57 -3.64 23.40
N VAL A 85 6.26 -4.46 22.63
CA VAL A 85 6.79 -4.03 21.34
C VAL A 85 6.49 -5.10 20.29
N LEU A 86 5.94 -4.68 19.16
CA LEU A 86 5.69 -5.58 18.04
C LEU A 86 6.44 -5.02 16.85
N VAL A 87 7.36 -5.80 16.31
CA VAL A 87 8.09 -5.38 15.11
C VAL A 87 7.67 -6.26 13.93
N ASN A 88 6.98 -5.65 12.98
CA ASN A 88 6.51 -6.36 11.81
C ASN A 88 7.57 -6.27 10.72
N ASN A 89 8.49 -7.22 10.72
CA ASN A 89 9.61 -7.24 9.79
C ASN A 89 9.48 -8.25 8.66
N ALA A 90 8.70 -9.30 8.88
CA ALA A 90 8.61 -10.37 7.89
C ALA A 90 8.14 -9.83 6.56
N GLY A 91 8.76 -10.31 5.48
CA GLY A 91 8.37 -9.87 4.15
C GLY A 91 9.11 -10.67 3.09
N ILE A 92 8.51 -10.79 1.91
CA ILE A 92 9.16 -11.52 0.83
C ILE A 92 9.13 -10.68 -0.44
N THR A 93 9.92 -11.08 -1.42
CA THR A 93 9.84 -10.49 -2.76
C THR A 93 9.56 -11.59 -3.76
N ARG A 94 8.85 -11.24 -4.83
CA ARG A 94 8.66 -12.09 -5.98
C ARG A 94 8.75 -11.16 -7.18
N ASP A 95 9.98 -10.80 -7.54
CA ASP A 95 10.24 -9.78 -8.55
C ASP A 95 9.88 -10.25 -9.96
N ASN A 96 9.35 -9.32 -10.75
CA ASN A 96 9.06 -9.60 -12.15
C ASN A 96 8.65 -8.30 -12.83
N LEU A 97 8.93 -8.20 -14.13
CA LEU A 97 8.39 -7.12 -14.94
C LEU A 97 6.88 -7.15 -14.86
N LEU A 98 6.29 -5.95 -14.89
CA LEU A 98 4.85 -5.76 -14.82
C LEU A 98 4.06 -6.67 -15.76
N ARG A 100 4.76 -9.44 -17.02
CA ARG A 100 5.02 -10.87 -16.86
C ARG A 100 4.65 -11.42 -15.48
N LYS A 102 3.28 -13.03 -12.36
CA LYS A 102 2.24 -14.04 -12.22
C LYS A 102 1.25 -13.64 -11.13
N GLU A 103 0.01 -14.09 -11.26
CA GLU A 103 -0.97 -13.78 -10.23
C GLU A 103 -0.49 -14.26 -8.86
N GLN A 104 0.14 -15.42 -8.80
CA GLN A 104 0.63 -15.94 -7.53
C GLN A 104 1.78 -15.10 -6.96
N GLU A 105 2.55 -14.47 -7.84
CA GLU A 105 3.63 -13.60 -7.40
C GLU A 105 3.05 -12.33 -6.76
N TRP A 106 2.01 -11.80 -7.37
CA TRP A 106 1.30 -10.70 -6.73
C TRP A 106 0.69 -11.14 -5.38
N ASP A 107 -0.15 -12.19 -5.40
CA ASP A 107 -0.87 -12.62 -4.20
C ASP A 107 0.00 -12.92 -2.99
N ASP A 108 1.04 -13.72 -3.20
CA ASP A 108 1.92 -14.13 -2.11
C ASP A 108 2.60 -12.94 -1.43
N VAL A 109 3.07 -12.00 -2.23
CA VAL A 109 3.72 -10.81 -1.68
C VAL A 109 2.70 -9.95 -0.94
N ILE A 110 1.54 -9.73 -1.52
CA ILE A 110 0.52 -8.93 -0.82
C ILE A 110 0.07 -9.62 0.49
N ASP A 111 -0.15 -10.92 0.46
CA ASP A 111 -0.62 -11.61 1.67
C ASP A 111 0.43 -11.63 2.80
N THR A 112 1.68 -11.91 2.46
CA THR A 112 2.72 -11.93 3.49
C THR A 112 3.07 -10.53 3.98
N ASN A 113 3.28 -9.61 3.06
CA ASN A 113 3.82 -8.28 3.39
C ASN A 113 2.80 -7.30 3.92
N LEU A 114 1.59 -7.34 3.36
CA LEU A 114 0.60 -6.32 3.69
C LEU A 114 -0.45 -6.90 4.63
N LYS A 115 -1.05 -8.02 4.24
CA LYS A 115 -2.02 -8.69 5.10
C LYS A 115 -1.33 -9.21 6.37
N GLY A 116 -0.07 -9.64 6.25
CA GLY A 116 0.67 -10.11 7.41
C GLY A 116 0.80 -9.02 8.45
N VAL A 117 1.10 -7.81 8.00
CA VAL A 117 1.26 -6.69 8.93
C VAL A 117 -0.08 -6.37 9.57
N PHE A 118 -1.14 -6.30 8.76
CA PHE A 118 -2.49 -6.15 9.32
C PHE A 118 -2.88 -7.21 10.36
N ASN A 119 -2.61 -8.48 10.07
CA ASN A 119 -2.94 -9.57 10.99
C ASN A 119 -2.23 -9.37 12.34
N CYS A 120 -0.93 -9.07 12.29
CA CYS A 120 -0.15 -8.94 13.51
C CYS A 120 -0.64 -7.75 14.35
N ILE A 121 -0.89 -6.63 13.68
CA ILE A 121 -1.43 -5.45 14.38
C ILE A 121 -2.81 -5.76 14.98
N GLN A 122 -3.67 -6.36 14.19
CA GLN A 122 -5.01 -6.65 14.68
C GLN A 122 -4.97 -7.56 15.90
N LYS A 123 -4.15 -8.61 15.85
CA LYS A 123 -4.14 -9.58 16.95
C LYS A 123 -3.41 -9.07 18.18
N ALA A 124 -2.49 -8.13 17.99
CA ALA A 124 -1.75 -7.54 19.11
C ALA A 124 -2.59 -6.46 19.81
N THR A 125 -3.50 -5.85 19.06
CA THR A 125 -4.28 -4.70 19.56
C THR A 125 -4.98 -4.92 20.92
N PRO A 126 -5.72 -6.03 21.07
CA PRO A 126 -6.40 -6.25 22.36
C PRO A 126 -5.46 -6.23 23.57
N GLN A 127 -4.29 -6.87 23.46
CA GLN A 127 -3.33 -6.89 24.56
C GLN A 127 -2.79 -5.48 24.84
N LEU A 129 -4.18 -2.56 24.16
CA LEU A 129 -5.25 -1.73 24.72
C LEU A 129 -5.39 -2.04 26.20
N ARG A 130 -5.26 -3.32 26.52
CA ARG A 130 -5.31 -3.76 27.91
C ARG A 130 -4.16 -3.14 28.72
N GLN A 131 -2.99 -3.02 28.09
CA GLN A 131 -1.81 -2.44 28.74
C GLN A 131 -1.86 -0.92 28.79
N ARG A 132 -2.65 -0.33 27.88
CA ARG A 132 -2.69 1.12 27.69
C ARG A 132 -1.29 1.60 27.37
N SER A 133 -0.57 0.79 26.60
CA SER A 133 0.75 1.15 26.13
C SER A 133 1.30 0.11 25.18
N GLY A 134 2.23 0.52 24.33
CA GLY A 134 2.86 -0.39 23.41
C GLY A 134 3.43 0.39 22.24
N ALA A 135 4.34 -0.25 21.53
CA ALA A 135 4.93 0.33 20.33
C ALA A 135 4.90 -0.71 19.23
N ILE A 136 4.32 -0.33 18.10
CA ILE A 136 4.32 -1.16 16.91
C ILE A 136 5.24 -0.48 15.91
N ILE A 137 6.22 -1.22 15.40
CA ILE A 137 7.11 -0.69 14.37
C ILE A 137 7.03 -1.59 13.15
N ASN A 138 6.64 -1.00 12.03
CA ASN A 138 6.48 -1.74 10.79
C ASN A 138 7.65 -1.48 9.86
N LEU A 139 8.15 -2.51 9.20
CA LEU A 139 9.21 -2.32 8.22
C LEU A 139 8.64 -1.99 6.84
N SER A 140 9.01 -0.84 6.32
CA SER A 140 8.67 -0.50 4.94
C SER A 140 9.97 -0.62 4.11
N SER A 141 10.16 0.27 3.14
CA SER A 141 11.37 0.26 2.32
C SER A 141 11.43 1.53 1.53
N VAL A 142 12.64 1.97 1.18
CA VAL A 142 12.78 3.15 0.33
C VAL A 142 11.94 2.98 -0.94
N VAL A 143 11.84 1.77 -1.47
CA VAL A 143 11.12 1.59 -2.73
C VAL A 143 9.62 1.79 -2.55
N GLY A 144 9.15 1.66 -1.33
CA GLY A 144 7.78 2.02 -1.00
C GLY A 144 7.48 3.49 -1.25
N ALA A 145 8.50 4.33 -1.10
CA ALA A 145 8.36 5.78 -1.30
C ALA A 145 8.72 6.26 -2.70
N VAL A 146 9.60 5.54 -3.41
CA VAL A 146 10.04 5.99 -4.73
C VAL A 146 9.71 5.07 -5.91
N GLY A 147 9.19 3.87 -5.63
CA GLY A 147 8.90 2.92 -6.70
C GLY A 147 10.16 2.24 -7.18
N ASN A 148 10.01 1.13 -7.90
CA ASN A 148 11.16 0.43 -8.45
C ASN A 148 10.66 -0.51 -9.55
N PRO A 149 11.18 -0.37 -10.78
CA PRO A 149 10.79 -1.29 -11.85
C PRO A 149 11.06 -2.72 -11.44
N GLY A 150 10.17 -3.65 -11.78
CA GLY A 150 10.36 -5.06 -11.47
C GLY A 150 9.89 -5.47 -10.09
N GLN A 151 9.40 -4.51 -9.31
CA GLN A 151 8.93 -4.80 -7.95
C GLN A 151 7.57 -4.18 -7.67
N ALA A 152 6.70 -4.10 -8.67
CA ALA A 152 5.41 -3.46 -8.46
C ALA A 152 4.64 -4.07 -7.28
N ASN A 153 4.69 -5.39 -7.13
CA ASN A 153 4.05 -6.03 -5.96
C ASN A 153 4.68 -5.60 -4.63
N TYR A 154 6.00 -5.69 -4.54
CA TYR A 154 6.67 -5.34 -3.28
C TYR A 154 6.47 -3.87 -2.94
N VAL A 155 6.54 -3.03 -3.96
CA VAL A 155 6.33 -1.59 -3.76
C VAL A 155 4.94 -1.29 -3.25
N ALA A 156 3.93 -1.92 -3.85
CA ALA A 156 2.55 -1.75 -3.41
C ALA A 156 2.42 -2.11 -1.94
N THR A 157 3.08 -3.18 -1.50
CA THR A 157 2.94 -3.57 -0.09
C THR A 157 3.67 -2.63 0.86
N LYS A 158 4.85 -2.17 0.46
CA LYS A 158 5.60 -1.28 1.34
C LYS A 158 4.99 0.12 1.45
N ALA A 159 4.39 0.62 0.38
CA ALA A 159 3.58 1.85 0.45
C ALA A 159 2.31 1.59 1.27
N GLY A 160 1.68 0.43 1.05
CA GLY A 160 0.49 0.08 1.79
C GLY A 160 0.76 0.00 3.28
N VAL A 161 1.95 -0.47 3.64
CA VAL A 161 2.35 -0.58 5.05
C VAL A 161 2.46 0.80 5.71
N ILE A 162 2.93 1.78 4.95
CA ILE A 162 2.99 3.15 5.47
C ILE A 162 1.57 3.66 5.72
N GLY A 163 0.66 3.39 4.79
CA GLY A 163 -0.73 3.77 5.00
C GLY A 163 -1.31 3.11 6.25
N LEU A 164 -1.08 1.81 6.37
CA LEU A 164 -1.59 1.04 7.49
C LEU A 164 -1.03 1.58 8.81
N THR A 165 0.26 1.93 8.80
CA THR A 165 0.93 2.59 9.92
C THR A 165 0.19 3.85 10.38
N LYS A 166 -0.18 4.71 9.44
CA LYS A 166 -0.84 5.96 9.80
C LYS A 166 -2.25 5.70 10.32
N SER A 167 -2.93 4.74 9.70
CA SER A 167 -4.30 4.44 10.12
C SER A 167 -4.34 3.80 11.52
N ALA A 168 -3.45 2.85 11.78
CA ALA A 168 -3.39 2.21 13.08
C ALA A 168 -2.94 3.23 14.12
N ALA A 169 -2.04 4.12 13.72
CA ALA A 169 -1.55 5.15 14.63
C ALA A 169 -2.69 6.02 15.11
N ARG A 170 -3.54 6.46 14.18
CA ARG A 170 -4.67 7.30 14.54
C ARG A 170 -5.70 6.57 15.38
N GLU A 171 -5.85 5.27 15.14
CA GLU A 171 -6.88 4.52 15.82
C GLU A 171 -6.47 4.17 17.25
N LEU A 172 -5.18 3.91 17.45
CA LEU A 172 -4.68 3.44 18.74
C LEU A 172 -4.05 4.51 19.62
N ALA A 173 -3.81 5.69 19.06
CA ALA A 173 -3.13 6.78 19.81
C ALA A 173 -3.77 7.10 21.17
N SER A 174 -5.09 7.18 21.20
CA SER A 174 -5.77 7.68 22.38
C SER A 174 -5.64 6.72 23.56
N ARG A 175 -5.18 5.50 23.27
CA ARG A 175 -5.04 4.51 24.32
C ARG A 175 -3.57 4.16 24.62
N GLY A 176 -2.67 5.07 24.21
CA GLY A 176 -1.28 5.01 24.63
C GLY A 176 -0.32 4.20 23.78
N ILE A 177 -0.71 3.91 22.55
CA ILE A 177 0.08 3.05 21.70
C ILE A 177 0.62 3.85 20.53
N THR A 178 1.91 3.72 20.24
CA THR A 178 2.46 4.38 19.06
C THR A 178 2.64 3.37 17.94
N VAL A 179 2.51 3.85 16.70
CA VAL A 179 2.68 3.00 15.54
C VAL A 179 3.51 3.77 14.52
N ASN A 180 4.66 3.23 14.17
CA ASN A 180 5.57 3.93 13.25
C ASN A 180 6.15 2.91 12.27
N ALA A 181 6.81 3.42 11.23
CA ALA A 181 7.48 2.55 10.28
C ALA A 181 8.93 2.98 10.11
N VAL A 182 9.77 2.04 9.71
CA VAL A 182 11.16 2.33 9.32
C VAL A 182 11.33 1.87 7.88
N ALA A 183 11.92 2.72 7.05
CA ALA A 183 12.13 2.41 5.64
C ALA A 183 13.62 2.32 5.32
N PRO A 184 14.16 1.10 5.29
CA PRO A 184 15.58 0.98 4.94
C PRO A 184 15.83 1.33 3.47
N GLY A 185 17.04 1.82 3.19
CA GLY A 185 17.49 2.00 1.82
C GLY A 185 18.12 0.69 1.35
N PHE A 186 19.27 0.80 0.72
CA PHE A 186 20.00 -0.39 0.28
C PHE A 186 20.90 -0.89 1.41
N ILE A 187 20.56 -2.05 1.97
CA ILE A 187 21.28 -2.62 3.10
C ILE A 187 21.98 -3.92 2.67
N VAL A 188 23.24 -4.05 3.04
CA VAL A 188 24.07 -5.16 2.57
C VAL A 188 23.41 -6.53 2.75
N SER A 189 22.71 -6.75 3.86
CA SER A 189 22.12 -8.06 4.13
C SER A 189 20.91 -8.39 3.24
N ASP A 190 20.35 -7.40 2.56
CA ASP A 190 19.22 -7.61 1.65
C ASP A 190 19.68 -7.93 0.24
N THR A 192 21.79 -10.42 -2.49
CA THR A 192 22.31 -11.76 -2.76
C THR A 192 23.78 -11.70 -3.13
N ASP A 193 24.23 -10.53 -3.57
CA ASP A 193 25.60 -10.34 -4.05
C ASP A 193 25.81 -11.08 -5.37
N ALA A 194 24.76 -11.73 -5.86
CA ALA A 194 24.81 -12.39 -7.16
C ALA A 194 24.90 -11.30 -8.23
N LEU A 195 24.41 -10.12 -7.87
CA LEU A 195 24.45 -8.96 -8.76
C LEU A 195 25.88 -8.45 -8.95
N SER A 196 26.17 -7.97 -10.16
CA SER A 196 27.52 -7.55 -10.51
C SER A 196 27.95 -6.29 -9.78
N ASP A 197 29.26 -6.05 -9.75
CA ASP A 197 29.80 -4.85 -9.12
C ASP A 197 29.31 -3.60 -9.84
N GLU A 198 29.06 -3.72 -11.14
CA GLU A 198 28.57 -2.59 -11.93
C GLU A 198 27.15 -2.21 -11.50
N LEU A 199 26.36 -3.22 -11.13
CA LEU A 199 25.03 -2.96 -10.60
C LEU A 199 25.15 -2.33 -9.22
N LYS A 200 26.10 -2.81 -8.43
CA LYS A 200 26.39 -2.20 -7.13
C LYS A 200 26.84 -0.76 -7.33
N GLU A 201 27.73 -0.55 -8.29
CA GLU A 201 28.25 0.77 -8.57
C GLU A 201 27.12 1.75 -8.87
N GLN A 202 26.17 1.30 -9.70
CA GLN A 202 25.03 2.14 -10.07
C GLN A 202 24.16 2.48 -8.86
N LEU A 204 25.14 2.58 -5.76
CA LEU A 204 25.92 3.46 -4.89
C LEU A 204 25.80 4.92 -5.31
N THR A 205 25.63 5.15 -6.60
CA THR A 205 25.54 6.51 -7.11
C THR A 205 24.25 7.19 -6.66
N GLN A 206 23.29 6.42 -6.18
CA GLN A 206 22.05 6.99 -5.69
C GLN A 206 22.15 7.45 -4.24
N ILE A 207 23.27 7.12 -3.58
CA ILE A 207 23.40 7.32 -2.14
C ILE A 207 24.44 8.37 -1.79
N PRO A 208 24.01 9.51 -1.23
CA PRO A 208 24.97 10.56 -0.88
C PRO A 208 26.10 10.08 0.05
N LEU A 209 25.78 9.28 1.07
CA LEU A 209 26.84 8.77 1.94
C LEU A 209 27.77 7.77 1.24
N ALA A 210 27.40 7.39 0.01
CA ALA A 210 28.26 6.57 -0.87
C ALA A 210 28.68 5.23 -0.26
N ARG A 211 27.82 4.67 0.56
CA ARG A 211 28.01 3.32 1.08
C ARG A 211 26.65 2.72 1.29
N PHE A 212 26.59 1.39 1.24
CA PHE A 212 25.38 0.69 1.64
C PHE A 212 25.29 0.69 3.16
N GLY A 213 24.08 0.55 3.68
CA GLY A 213 23.86 0.55 5.11
C GLY A 213 24.01 -0.85 5.66
N GLN A 214 23.95 -0.97 6.99
CA GLN A 214 24.09 -2.26 7.65
C GLN A 214 22.82 -2.59 8.42
N ASP A 215 22.62 -3.87 8.71
CA ASP A 215 21.47 -4.29 9.53
C ASP A 215 21.37 -3.48 10.80
N THR A 216 22.51 -3.20 11.43
CA THR A 216 22.53 -2.48 12.70
C THR A 216 21.95 -1.08 12.60
N ASP A 217 22.09 -0.44 11.43
CA ASP A 217 21.54 0.90 11.22
C ASP A 217 20.01 0.84 11.36
N ILE A 218 19.43 -0.22 10.84
CA ILE A 218 17.99 -0.38 10.90
C ILE A 218 17.59 -0.75 12.32
N ALA A 219 18.30 -1.71 12.90
CA ALA A 219 18.04 -2.17 14.26
C ALA A 219 18.08 -1.01 15.26
N ASN A 220 19.06 -0.13 15.13
CA ASN A 220 19.20 0.98 16.07
C ASN A 220 18.00 1.93 16.00
N THR A 221 17.51 2.15 14.80
CA THR A 221 16.36 3.04 14.64
C THR A 221 15.09 2.40 15.21
N VAL A 222 14.89 1.10 14.93
CA VAL A 222 13.78 0.38 15.51
C VAL A 222 13.85 0.45 17.05
N ALA A 223 15.03 0.19 17.61
CA ALA A 223 15.17 0.23 19.07
C ALA A 223 14.85 1.63 19.63
N PHE A 224 15.25 2.67 18.90
CA PHE A 224 14.90 4.02 19.29
C PHE A 224 13.37 4.20 19.35
N LEU A 225 12.68 3.82 18.27
CA LEU A 225 11.22 3.94 18.24
C LEU A 225 10.52 3.11 19.34
N ALA A 226 11.14 1.98 19.69
CA ALA A 226 10.58 1.11 20.71
C ALA A 226 10.84 1.59 22.15
N SER A 227 11.59 2.68 22.30
CA SER A 227 12.00 3.14 23.63
C SER A 227 11.10 4.27 24.15
N ASP A 228 11.25 4.62 25.42
CA ASP A 228 10.50 5.74 25.99
C ASP A 228 10.97 7.07 25.42
N LYS A 229 12.13 7.05 24.78
CA LYS A 229 12.65 8.23 24.10
C LYS A 229 11.75 8.68 22.95
N ALA A 230 10.87 7.79 22.47
CA ALA A 230 10.08 8.07 21.27
C ALA A 230 8.58 8.03 21.53
N LYS A 231 8.19 8.24 22.77
CA LYS A 231 6.79 8.13 23.16
C LYS A 231 5.85 9.16 22.51
N TYR A 232 6.39 10.24 21.98
CA TYR A 232 5.58 11.27 21.32
C TYR A 232 5.68 11.20 19.80
N ILE A 233 6.33 10.15 19.30
CA ILE A 233 6.43 9.95 17.87
C ILE A 233 5.42 8.90 17.47
N THR A 234 4.48 9.26 16.61
CA THR A 234 3.58 8.24 16.09
C THR A 234 3.10 8.59 14.69
N GLY A 235 2.84 7.54 13.90
CA GLY A 235 2.38 7.70 12.53
C GLY A 235 3.49 8.04 11.54
N GLN A 236 4.75 7.97 11.99
CA GLN A 236 5.88 8.44 11.19
C GLN A 236 6.57 7.31 10.43
N THR A 237 7.19 7.64 9.30
CA THR A 237 8.10 6.71 8.63
C THR A 237 9.51 7.28 8.67
N ILE A 238 10.42 6.57 9.32
CA ILE A 238 11.81 7.02 9.44
C ILE A 238 12.61 6.33 8.33
N HIS A 239 13.17 7.13 7.44
CA HIS A 239 13.98 6.63 6.35
C HIS A 239 15.45 6.56 6.77
N VAL A 240 16.03 5.36 6.64
CA VAL A 240 17.40 5.10 7.05
C VAL A 240 18.10 4.60 5.80
N ASN A 241 18.65 5.54 5.01
CA ASN A 241 18.99 5.21 3.63
C ASN A 241 20.19 5.97 3.07
N GLY A 242 20.95 6.62 3.95
CA GLY A 242 22.17 7.28 3.52
C GLY A 242 21.92 8.50 2.66
N GLY A 243 20.67 8.96 2.65
CA GLY A 243 20.31 10.16 1.91
C GLY A 243 19.73 9.89 0.53
N TYR A 245 16.91 9.01 -0.36
CA TYR A 245 15.58 9.61 -0.46
C TYR A 245 15.33 10.50 0.75
N LYS B 5 -8.73 8.47 -30.32
CA LYS B 5 -8.30 8.26 -28.94
C LYS B 5 -9.40 7.60 -28.10
N SER B 6 -9.01 6.58 -27.34
CA SER B 6 -9.97 5.77 -26.61
C SER B 6 -9.60 5.68 -25.14
N ALA B 7 -10.62 5.70 -24.29
CA ALA B 7 -10.43 5.65 -22.85
C ALA B 7 -11.30 4.55 -22.24
N LEU B 8 -10.84 4.00 -21.13
CA LEU B 8 -11.61 3.06 -20.34
C LEU B 8 -11.63 3.59 -18.91
N VAL B 9 -12.82 3.66 -18.32
CA VAL B 9 -12.96 4.08 -16.92
C VAL B 9 -13.62 2.96 -16.11
N THR B 10 -12.96 2.50 -15.05
CA THR B 10 -13.54 1.44 -14.23
C THR B 10 -14.48 2.01 -13.17
N GLY B 11 -15.53 1.25 -12.84
CA GLY B 11 -16.54 1.71 -11.89
C GLY B 11 -17.14 3.03 -12.31
N ALA B 12 -17.57 3.12 -13.57
CA ALA B 12 -18.00 4.40 -14.13
C ALA B 12 -19.50 4.58 -14.20
N SER B 13 -20.26 3.76 -13.47
CA SER B 13 -21.72 3.81 -13.61
C SER B 13 -22.32 4.98 -12.81
N ARG B 14 -21.58 5.47 -11.83
CA ARG B 14 -22.06 6.61 -11.04
C ARG B 14 -20.93 7.38 -10.36
N GLY B 15 -21.30 8.44 -9.66
CA GLY B 15 -20.37 9.21 -8.86
C GLY B 15 -19.16 9.70 -9.63
N ILE B 16 -18.00 9.65 -8.99
CA ILE B 16 -16.79 10.18 -9.61
C ILE B 16 -16.48 9.50 -10.94
N GLY B 17 -16.68 8.18 -11.01
CA GLY B 17 -16.38 7.46 -12.25
C GLY B 17 -17.18 7.95 -13.44
N ARG B 18 -18.47 8.15 -13.22
CA ARG B 18 -19.34 8.66 -14.26
C ARG B 18 -18.90 10.06 -14.70
N SER B 19 -18.61 10.90 -13.73
CA SER B 19 -18.23 12.27 -14.04
C SER B 19 -16.92 12.30 -14.84
N ILE B 20 -16.00 11.43 -14.47
CA ILE B 20 -14.76 11.25 -15.22
C ILE B 20 -15.04 10.86 -16.68
N ALA B 21 -15.85 9.82 -16.87
CA ALA B 21 -16.21 9.38 -18.22
C ALA B 21 -16.82 10.52 -19.04
N LEU B 22 -17.73 11.26 -18.44
CA LEU B 22 -18.42 12.34 -19.14
C LEU B 22 -17.45 13.44 -19.55
N GLN B 23 -16.46 13.71 -18.70
CA GLN B 23 -15.48 14.74 -18.98
C GLN B 23 -14.55 14.31 -20.11
N LEU B 24 -14.10 13.06 -20.05
CA LEU B 24 -13.24 12.52 -21.11
C LEU B 24 -13.96 12.59 -22.44
N ALA B 25 -15.25 12.26 -22.42
CA ALA B 25 -16.07 12.34 -23.64
C ALA B 25 -16.14 13.77 -24.15
N GLU B 26 -16.18 14.72 -23.22
CA GLU B 26 -16.23 16.13 -23.57
C GLU B 26 -14.92 16.56 -24.26
N GLU B 27 -13.86 15.80 -24.00
CA GLU B 27 -12.54 16.13 -24.54
C GLU B 27 -12.31 15.49 -25.91
N GLY B 28 -13.24 14.66 -26.35
CA GLY B 28 -13.14 14.02 -27.65
C GLY B 28 -12.78 12.54 -27.60
N TYR B 29 -12.73 11.98 -26.40
CA TYR B 29 -12.39 10.56 -26.23
C TYR B 29 -13.60 9.69 -26.48
N ASN B 30 -13.37 8.55 -27.14
CA ASN B 30 -14.33 7.46 -27.08
C ASN B 30 -14.16 6.86 -25.71
N VAL B 31 -15.25 6.48 -25.06
CA VAL B 31 -15.16 6.02 -23.69
C VAL B 31 -15.92 4.73 -23.42
N ALA B 32 -15.20 3.72 -22.95
CA ALA B 32 -15.82 2.49 -22.49
C ALA B 32 -16.13 2.60 -20.99
N VAL B 33 -17.35 2.22 -20.62
CA VAL B 33 -17.85 2.35 -19.27
C VAL B 33 -17.85 0.99 -18.59
N ASN B 34 -16.89 0.75 -17.71
CA ASN B 34 -16.88 -0.50 -16.94
C ASN B 34 -17.75 -0.38 -15.70
N TYR B 35 -18.46 -1.47 -15.39
CA TYR B 35 -19.33 -1.49 -14.24
C TYR B 35 -19.35 -2.88 -13.63
N ALA B 36 -19.76 -2.96 -12.38
CA ALA B 36 -19.87 -4.25 -11.70
C ALA B 36 -21.33 -4.55 -11.38
N GLY B 37 -22.08 -3.52 -11.03
CA GLY B 37 -23.44 -3.68 -10.57
C GLY B 37 -24.52 -3.52 -11.62
N SER B 38 -25.24 -2.41 -11.56
CA SER B 38 -26.42 -2.21 -12.40
C SER B 38 -26.08 -1.91 -13.86
N LYS B 39 -26.60 -2.75 -14.75
CA LYS B 39 -26.41 -2.56 -16.18
C LYS B 39 -27.12 -1.31 -16.67
N GLU B 40 -28.35 -1.11 -16.21
CA GLU B 40 -29.15 0.00 -16.70
C GLU B 40 -28.56 1.36 -16.33
N LYS B 41 -27.93 1.44 -15.17
CA LYS B 41 -27.25 2.68 -14.79
C LYS B 41 -26.06 2.93 -15.71
N ALA B 42 -25.29 1.88 -15.99
CA ALA B 42 -24.16 2.00 -16.90
C ALA B 42 -24.63 2.40 -18.32
N GLU B 43 -25.69 1.75 -18.79
CA GLU B 43 -26.23 2.04 -20.12
C GLU B 43 -26.69 3.48 -20.27
N ALA B 44 -27.24 4.04 -19.20
CA ALA B 44 -27.62 5.45 -19.15
C ALA B 44 -26.39 6.36 -19.28
N VAL B 45 -25.29 5.99 -18.65
CA VAL B 45 -24.07 6.76 -18.75
C VAL B 45 -23.55 6.70 -20.20
N VAL B 46 -23.58 5.50 -20.78
CA VAL B 46 -23.21 5.32 -22.18
C VAL B 46 -24.01 6.22 -23.13
N GLU B 47 -25.30 6.40 -22.83
CA GLU B 47 -26.14 7.27 -23.65
C GLU B 47 -25.76 8.74 -23.46
N GLU B 48 -25.47 9.12 -22.22
CA GLU B 48 -25.03 10.47 -21.91
C GLU B 48 -23.73 10.78 -22.65
N ILE B 49 -22.84 9.80 -22.70
CA ILE B 49 -21.57 9.94 -23.40
C ILE B 49 -21.77 10.07 -24.91
N LYS B 50 -22.68 9.28 -25.47
CA LYS B 50 -22.95 9.34 -26.90
C LYS B 50 -23.51 10.72 -27.29
N ALA B 51 -24.21 11.35 -26.36
CA ALA B 51 -24.79 12.66 -26.59
C ALA B 51 -23.71 13.72 -26.78
N LYS B 52 -22.48 13.40 -26.38
CA LYS B 52 -21.36 14.30 -26.54
C LYS B 52 -20.76 14.17 -27.94
N GLY B 53 -21.26 13.19 -28.70
CA GLY B 53 -20.78 12.96 -30.06
C GLY B 53 -19.57 12.04 -30.16
N VAL B 54 -19.35 11.20 -29.15
CA VAL B 54 -18.31 10.18 -29.21
C VAL B 54 -18.91 8.79 -29.12
N ASP B 55 -18.08 7.77 -29.35
CA ASP B 55 -18.52 6.39 -29.22
C ASP B 55 -18.40 5.93 -27.76
N SER B 56 -19.22 4.96 -27.38
CA SER B 56 -19.23 4.47 -26.01
C SER B 56 -19.95 3.13 -25.93
N PHE B 57 -19.56 2.32 -24.96
CA PHE B 57 -20.27 1.09 -24.65
C PHE B 57 -19.92 0.68 -23.24
N ALA B 58 -20.74 -0.18 -22.66
CA ALA B 58 -20.55 -0.62 -21.28
C ALA B 58 -19.95 -2.02 -21.27
N ILE B 59 -19.07 -2.29 -20.31
CA ILE B 59 -18.52 -3.63 -20.14
C ILE B 59 -18.62 -4.06 -18.69
N GLN B 60 -19.20 -5.22 -18.46
CA GLN B 60 -19.27 -5.78 -17.11
C GLN B 60 -18.00 -6.53 -16.76
N ALA B 61 -17.36 -6.17 -15.66
CA ALA B 61 -16.19 -6.91 -15.23
C ALA B 61 -15.83 -6.60 -13.78
N ASN B 62 -15.47 -7.65 -13.04
CA ASN B 62 -14.95 -7.51 -11.70
C ASN B 62 -13.45 -7.27 -11.80
N VAL B 63 -12.99 -6.08 -11.41
CA VAL B 63 -11.58 -5.74 -11.60
C VAL B 63 -10.64 -6.61 -10.77
N ALA B 64 -11.19 -7.26 -9.76
CA ALA B 64 -10.40 -8.15 -8.92
C ALA B 64 -10.04 -9.44 -9.66
N ASP B 65 -10.72 -9.69 -10.78
CA ASP B 65 -10.49 -10.93 -11.52
C ASP B 65 -9.68 -10.73 -12.80
N ALA B 66 -8.44 -11.24 -12.81
CA ALA B 66 -7.51 -10.98 -13.89
C ALA B 66 -8.02 -11.44 -15.26
N ASP B 67 -8.76 -12.55 -15.29
CA ASP B 67 -9.32 -13.05 -16.55
C ASP B 67 -10.36 -12.11 -17.11
N GLU B 68 -11.26 -11.64 -16.25
CA GLU B 68 -12.29 -10.72 -16.67
C GLU B 68 -11.69 -9.38 -17.14
N VAL B 69 -10.65 -8.92 -16.46
CA VAL B 69 -9.98 -7.69 -16.85
C VAL B 69 -9.31 -7.86 -18.21
N LYS B 70 -8.69 -9.02 -18.42
CA LYS B 70 -8.02 -9.27 -19.70
C LYS B 70 -9.04 -9.21 -20.83
N ALA B 71 -10.19 -9.83 -20.61
CA ALA B 71 -11.24 -9.85 -21.64
C ALA B 71 -11.77 -8.44 -21.86
N ILE B 73 -10.09 -5.42 -21.44
CA ILE B 73 -9.13 -4.68 -22.27
C ILE B 73 -9.20 -5.13 -23.73
N LYS B 74 -9.20 -6.44 -23.95
CA LYS B 74 -9.25 -6.97 -25.31
C LYS B 74 -10.46 -6.43 -26.08
N GLU B 75 -11.59 -6.34 -25.39
CA GLU B 75 -12.83 -5.83 -26.00
C GLU B 75 -12.70 -4.35 -26.34
N VAL B 76 -12.14 -3.57 -25.43
CA VAL B 76 -11.95 -2.15 -25.68
C VAL B 76 -11.05 -1.93 -26.89
N VAL B 77 -9.93 -2.64 -26.94
CA VAL B 77 -9.01 -2.50 -28.06
C VAL B 77 -9.66 -2.98 -29.35
N SER B 78 -10.39 -4.09 -29.25
CA SER B 78 -11.07 -4.64 -30.42
C SER B 78 -12.04 -3.62 -31.00
N GLN B 79 -12.76 -2.94 -30.10
CA GLN B 79 -13.85 -2.05 -30.46
C GLN B 79 -13.38 -0.67 -30.88
N PHE B 80 -12.35 -0.16 -30.20
CA PHE B 80 -11.91 1.21 -30.42
C PHE B 80 -10.64 1.28 -31.27
N GLY B 81 -9.90 0.19 -31.32
CA GLY B 81 -8.66 0.14 -32.08
C GLY B 81 -7.42 0.49 -31.27
N SER B 82 -7.63 0.99 -30.05
CA SER B 82 -6.51 1.35 -29.19
C SER B 82 -6.96 1.49 -27.75
N LEU B 83 -6.02 1.76 -26.85
CA LEU B 83 -6.33 2.11 -25.47
C LEU B 83 -5.34 3.17 -25.04
N ASP B 84 -5.78 4.43 -25.06
CA ASP B 84 -4.90 5.55 -24.84
C ASP B 84 -4.93 6.07 -23.41
N VAL B 85 -6.08 5.96 -22.77
CA VAL B 85 -6.24 6.40 -21.39
C VAL B 85 -6.94 5.33 -20.58
N LEU B 86 -6.34 4.95 -19.45
CA LEU B 86 -6.97 4.03 -18.52
C LEU B 86 -7.15 4.74 -17.19
N VAL B 87 -8.39 4.81 -16.72
CA VAL B 87 -8.67 5.39 -15.41
C VAL B 87 -9.16 4.31 -14.44
N ASN B 88 -8.34 4.00 -13.44
CA ASN B 88 -8.66 3.00 -12.45
C ASN B 88 -9.39 3.64 -11.27
N ASN B 89 -10.71 3.71 -11.36
CA ASN B 89 -11.52 4.43 -10.39
C ASN B 89 -12.30 3.50 -9.48
N ALA B 90 -12.50 2.26 -9.92
CA ALA B 90 -13.29 1.29 -9.14
C ALA B 90 -12.68 1.09 -7.76
N GLY B 91 -13.53 1.06 -6.74
CA GLY B 91 -13.07 0.92 -5.38
C GLY B 91 -14.25 0.77 -4.44
N ILE B 92 -14.03 0.08 -3.33
CA ILE B 92 -15.08 -0.12 -2.33
C ILE B 92 -14.51 0.16 -0.95
N THR B 93 -15.40 0.35 0.02
CA THR B 93 -15.00 0.40 1.41
C THR B 93 -15.77 -0.68 2.17
N ARG B 94 -15.15 -1.20 3.22
CA ARG B 94 -15.84 -2.07 4.17
C ARG B 94 -15.25 -1.70 5.51
N ASP B 95 -15.83 -0.68 6.11
CA ASP B 95 -15.22 -0.04 7.28
C ASP B 95 -15.44 -0.85 8.54
N ASN B 96 -14.48 -0.75 9.46
CA ASN B 96 -14.65 -1.36 10.78
C ASN B 96 -13.44 -0.97 11.61
N LEU B 97 -13.61 -0.93 12.92
CA LEU B 97 -12.45 -0.72 13.77
C LEU B 97 -11.54 -1.96 13.64
N LEU B 98 -10.24 -1.74 13.86
CA LEU B 98 -9.24 -2.80 13.75
C LEU B 98 -9.64 -4.10 14.39
N ARG B 100 -12.49 -5.22 15.20
CA ARG B 100 -13.74 -5.78 14.72
C ARG B 100 -13.68 -6.22 13.26
N LYS B 102 -13.41 -8.01 9.90
CA LYS B 102 -13.44 -9.43 9.50
C LYS B 102 -12.45 -9.70 8.37
N GLU B 103 -12.01 -10.94 8.26
CA GLU B 103 -11.04 -11.26 7.24
C GLU B 103 -11.55 -10.92 5.84
N GLN B 104 -12.83 -11.19 5.57
CA GLN B 104 -13.40 -10.88 4.26
C GLN B 104 -13.50 -9.38 4.03
N GLU B 105 -13.63 -8.61 5.10
CA GLU B 105 -13.65 -7.16 4.94
C GLU B 105 -12.29 -6.66 4.48
N TRP B 106 -11.23 -7.25 5.02
CA TRP B 106 -9.90 -6.94 4.54
C TRP B 106 -9.72 -7.43 3.08
N ASP B 107 -9.99 -8.71 2.85
CA ASP B 107 -9.67 -9.33 1.56
C ASP B 107 -10.39 -8.67 0.39
N ASP B 108 -11.67 -8.37 0.60
CA ASP B 108 -12.51 -7.81 -0.45
C ASP B 108 -11.97 -6.45 -0.89
N VAL B 109 -11.62 -5.64 0.09
CA VAL B 109 -11.12 -4.28 -0.20
C VAL B 109 -9.74 -4.33 -0.85
N ILE B 110 -8.87 -5.19 -0.35
CA ILE B 110 -7.55 -5.31 -0.95
C ILE B 110 -7.64 -5.86 -2.40
N ASP B 111 -8.47 -6.87 -2.62
CA ASP B 111 -8.54 -7.44 -3.97
C ASP B 111 -9.20 -6.48 -4.96
N THR B 112 -10.25 -5.79 -4.54
CA THR B 112 -10.90 -4.84 -5.44
C THR B 112 -10.06 -3.59 -5.69
N ASN B 113 -9.57 -2.97 -4.60
CA ASN B 113 -8.95 -1.66 -4.72
C ASN B 113 -7.50 -1.72 -5.15
N LEU B 114 -6.76 -2.68 -4.62
CA LEU B 114 -5.31 -2.74 -4.90
C LEU B 114 -4.98 -3.75 -6.01
N LYS B 115 -5.43 -4.99 -5.86
CA LYS B 115 -5.22 -5.97 -6.92
C LYS B 115 -5.91 -5.55 -8.20
N GLY B 116 -7.05 -4.86 -8.07
CA GLY B 116 -7.82 -4.48 -9.25
C GLY B 116 -7.06 -3.47 -10.10
N VAL B 117 -6.41 -2.51 -9.45
CA VAL B 117 -5.59 -1.54 -10.14
C VAL B 117 -4.41 -2.24 -10.80
N PHE B 118 -3.77 -3.14 -10.06
CA PHE B 118 -2.68 -3.93 -10.64
C PHE B 118 -3.14 -4.71 -11.89
N ASN B 119 -4.27 -5.37 -11.78
CA ASN B 119 -4.79 -6.16 -12.90
C ASN B 119 -4.97 -5.29 -14.13
N CYS B 120 -5.61 -4.14 -13.93
CA CYS B 120 -5.94 -3.26 -15.06
C CYS B 120 -4.68 -2.71 -15.69
N ILE B 121 -3.76 -2.24 -14.86
CA ILE B 121 -2.46 -1.78 -15.37
C ILE B 121 -1.77 -2.90 -16.12
N GLN B 122 -1.69 -4.09 -15.51
CA GLN B 122 -1.00 -5.21 -16.16
C GLN B 122 -1.60 -5.59 -17.52
N LYS B 123 -2.93 -5.71 -17.57
CA LYS B 123 -3.56 -6.15 -18.82
C LYS B 123 -3.56 -5.05 -19.89
N ALA B 124 -3.47 -3.79 -19.47
CA ALA B 124 -3.41 -2.66 -20.41
C ALA B 124 -2.01 -2.44 -20.99
N THR B 125 -0.99 -2.87 -20.24
CA THR B 125 0.40 -2.59 -20.61
C THR B 125 0.82 -3.11 -22.01
N PRO B 126 0.47 -4.36 -22.36
CA PRO B 126 0.87 -4.84 -23.69
C PRO B 126 0.35 -3.94 -24.83
N GLN B 127 -0.87 -3.44 -24.72
CA GLN B 127 -1.39 -2.55 -25.75
C GLN B 127 -0.59 -1.26 -25.76
N LEU B 129 2.38 -0.63 -24.67
CA LEU B 129 3.76 -0.83 -25.08
C LEU B 129 3.86 -0.87 -26.59
N ARG B 130 2.88 -1.50 -27.23
CA ARG B 130 2.85 -1.58 -28.69
C ARG B 130 2.59 -0.19 -29.30
N GLN B 131 1.75 0.59 -28.64
CA GLN B 131 1.51 1.98 -29.05
C GLN B 131 2.73 2.85 -28.76
N ARG B 132 3.48 2.47 -27.73
CA ARG B 132 4.52 3.35 -27.19
C ARG B 132 3.90 4.67 -26.73
N SER B 133 2.70 4.56 -26.17
CA SER B 133 2.05 5.72 -25.57
C SER B 133 0.84 5.30 -24.75
N GLY B 134 0.44 6.16 -23.83
CA GLY B 134 -0.72 5.89 -22.99
C GLY B 134 -0.65 6.74 -21.75
N ALA B 135 -1.80 6.93 -21.12
CA ALA B 135 -1.85 7.57 -19.83
C ALA B 135 -2.69 6.72 -18.90
N ILE B 136 -2.13 6.38 -17.74
CA ILE B 136 -2.86 5.65 -16.73
C ILE B 136 -3.07 6.55 -15.54
N ILE B 137 -4.33 6.66 -15.08
CA ILE B 137 -4.64 7.49 -13.93
C ILE B 137 -5.39 6.67 -12.89
N ASN B 138 -4.78 6.56 -11.71
CA ASN B 138 -5.34 5.79 -10.62
C ASN B 138 -5.98 6.68 -9.58
N LEU B 139 -7.13 6.28 -9.04
CA LEU B 139 -7.76 7.04 -7.97
C LEU B 139 -7.26 6.56 -6.61
N SER B 140 -6.74 7.51 -5.83
CA SER B 140 -6.39 7.26 -4.44
C SER B 140 -7.41 7.98 -3.55
N SER B 141 -6.94 8.53 -2.43
CA SER B 141 -7.82 9.25 -1.51
C SER B 141 -6.97 10.01 -0.50
N VAL B 142 -7.51 11.10 0.02
CA VAL B 142 -6.79 11.82 1.06
C VAL B 142 -6.46 10.88 2.20
N VAL B 143 -7.34 9.91 2.49
CA VAL B 143 -7.07 9.04 3.64
C VAL B 143 -5.89 8.11 3.38
N GLY B 144 -5.56 7.90 2.11
CA GLY B 144 -4.36 7.15 1.79
C GLY B 144 -3.10 7.87 2.30
N ALA B 145 -3.16 9.19 2.37
CA ALA B 145 -2.01 10.00 2.81
C ALA B 145 -2.02 10.27 4.31
N VAL B 146 -3.21 10.33 4.90
CA VAL B 146 -3.30 10.76 6.29
C VAL B 146 -3.76 9.69 7.27
N GLY B 147 -4.26 8.57 6.75
CA GLY B 147 -4.84 7.55 7.61
C GLY B 147 -6.25 7.94 8.05
N ASN B 148 -6.99 6.98 8.59
CA ASN B 148 -8.32 7.27 9.12
C ASN B 148 -8.78 6.08 9.96
N PRO B 149 -9.13 6.33 11.23
CA PRO B 149 -9.62 5.23 12.09
C PRO B 149 -10.82 4.54 11.47
N GLY B 150 -10.90 3.23 11.58
CA GLY B 150 -12.02 2.50 11.02
C GLY B 150 -11.90 2.14 9.53
N GLN B 151 -10.79 2.52 8.89
CA GLN B 151 -10.60 2.22 7.48
C GLN B 151 -9.22 1.68 7.17
N ALA B 152 -8.66 0.87 8.08
CA ALA B 152 -7.30 0.40 7.92
C ALA B 152 -7.14 -0.29 6.57
N ASN B 153 -8.15 -1.06 6.17
CA ASN B 153 -8.11 -1.76 4.89
C ASN B 153 -8.11 -0.78 3.72
N TYR B 154 -9.06 0.14 3.70
CA TYR B 154 -9.15 1.12 2.62
C TYR B 154 -7.88 1.97 2.52
N VAL B 155 -7.41 2.45 3.67
CA VAL B 155 -6.20 3.27 3.70
C VAL B 155 -5.01 2.50 3.11
N ALA B 156 -4.86 1.24 3.50
CA ALA B 156 -3.76 0.42 3.00
C ALA B 156 -3.80 0.33 1.47
N THR B 157 -5.00 0.18 0.91
CA THR B 157 -5.11 0.07 -0.54
C THR B 157 -4.81 1.40 -1.25
N LYS B 158 -5.28 2.51 -0.68
CA LYS B 158 -5.08 3.80 -1.38
C LYS B 158 -3.65 4.32 -1.25
N ALA B 159 -2.98 3.98 -0.16
CA ALA B 159 -1.55 4.23 -0.06
C ALA B 159 -0.81 3.28 -1.00
N GLY B 160 -1.24 2.02 -1.00
CA GLY B 160 -0.66 1.04 -1.90
C GLY B 160 -0.79 1.44 -3.36
N VAL B 161 -1.94 2.02 -3.72
CA VAL B 161 -2.13 2.52 -5.08
C VAL B 161 -1.14 3.63 -5.44
N ILE B 162 -0.83 4.49 -4.48
CA ILE B 162 0.21 5.50 -4.70
C ILE B 162 1.58 4.85 -5.00
N GLY B 163 1.96 3.87 -4.19
CA GLY B 163 3.19 3.13 -4.44
C GLY B 163 3.20 2.46 -5.80
N LEU B 164 2.08 1.83 -6.16
CA LEU B 164 1.96 1.14 -7.44
C LEU B 164 2.08 2.13 -8.60
N THR B 165 1.47 3.30 -8.42
CA THR B 165 1.56 4.40 -9.37
C THR B 165 3.01 4.77 -9.67
N LYS B 166 3.80 4.94 -8.61
CA LYS B 166 5.20 5.29 -8.77
C LYS B 166 6.00 4.19 -9.45
N SER B 167 5.74 2.93 -9.08
CA SER B 167 6.53 1.83 -9.63
C SER B 167 6.21 1.66 -11.11
N ALA B 168 4.93 1.68 -11.44
CA ALA B 168 4.51 1.56 -12.84
C ALA B 168 5.04 2.72 -13.67
N ALA B 169 5.00 3.93 -13.10
CA ALA B 169 5.54 5.09 -13.78
C ALA B 169 7.02 4.90 -14.15
N ARG B 170 7.81 4.41 -13.20
CA ARG B 170 9.23 4.22 -13.44
C ARG B 170 9.47 3.10 -14.44
N GLU B 171 8.62 2.09 -14.40
CA GLU B 171 8.81 0.92 -15.27
C GLU B 171 8.39 1.19 -16.72
N LEU B 172 7.35 2.00 -16.89
CA LEU B 172 6.75 2.26 -18.20
C LEU B 172 7.19 3.58 -18.84
N ALA B 173 7.91 4.43 -18.11
CA ALA B 173 8.31 5.73 -18.62
C ALA B 173 9.12 5.62 -19.92
N SER B 174 9.99 4.62 -20.01
CA SER B 174 10.86 4.50 -21.18
C SER B 174 10.08 4.14 -22.45
N ARG B 175 8.84 3.67 -22.29
CA ARG B 175 8.05 3.30 -23.45
C ARG B 175 6.94 4.30 -23.77
N GLY B 176 7.04 5.50 -23.19
CA GLY B 176 6.14 6.60 -23.53
C GLY B 176 4.79 6.61 -22.81
N ILE B 177 4.73 5.96 -21.64
CA ILE B 177 3.50 5.87 -20.88
C ILE B 177 3.64 6.65 -19.56
N THR B 178 2.67 7.50 -19.24
CA THR B 178 2.66 8.19 -17.95
C THR B 178 1.68 7.49 -17.00
N VAL B 179 2.02 7.49 -15.72
CA VAL B 179 1.15 6.87 -14.71
C VAL B 179 1.09 7.82 -13.53
N ASN B 180 -0.11 8.28 -13.21
CA ASN B 180 -0.32 9.26 -12.15
C ASN B 180 -1.52 8.85 -11.30
N ALA B 181 -1.69 9.50 -10.15
CA ALA B 181 -2.87 9.28 -9.33
C ALA B 181 -3.55 10.61 -8.95
N VAL B 182 -4.84 10.51 -8.64
CA VAL B 182 -5.59 11.64 -8.15
C VAL B 182 -6.19 11.22 -6.82
N ALA B 183 -6.00 12.04 -5.80
CA ALA B 183 -6.48 11.73 -4.45
C ALA B 183 -7.55 12.74 -4.03
N PRO B 184 -8.83 12.38 -4.16
CA PRO B 184 -9.90 13.28 -3.72
C PRO B 184 -9.93 13.44 -2.21
N GLY B 185 -10.36 14.61 -1.74
CA GLY B 185 -10.68 14.78 -0.35
C GLY B 185 -12.12 14.34 -0.10
N PHE B 186 -12.87 15.18 0.61
CA PHE B 186 -14.26 14.87 0.92
C PHE B 186 -15.11 15.43 -0.21
N ILE B 187 -15.68 14.54 -1.02
CA ILE B 187 -16.46 14.93 -2.20
C ILE B 187 -17.94 14.64 -2.02
N VAL B 188 -18.78 15.58 -2.46
CA VAL B 188 -20.23 15.45 -2.30
C VAL B 188 -20.79 14.13 -2.83
N SER B 189 -20.33 13.68 -3.99
CA SER B 189 -20.89 12.41 -4.47
C SER B 189 -20.68 11.29 -3.44
N ASP B 190 -19.45 11.14 -2.95
CA ASP B 190 -19.12 10.11 -1.98
C ASP B 190 -20.01 10.17 -0.74
N LEU B 195 -25.05 11.24 5.57
CA LEU B 195 -24.43 11.68 6.82
C LEU B 195 -25.27 12.75 7.49
N SER B 196 -25.17 12.83 8.81
CA SER B 196 -25.85 13.88 9.57
C SER B 196 -25.14 15.21 9.35
N ASP B 197 -25.91 16.30 9.41
CA ASP B 197 -25.33 17.62 9.21
C ASP B 197 -24.35 17.98 10.32
N GLU B 198 -24.44 17.26 11.43
CA GLU B 198 -23.51 17.46 12.54
C GLU B 198 -22.14 16.88 12.21
N LEU B 199 -22.14 15.69 11.63
CA LEU B 199 -20.87 15.08 11.22
C LEU B 199 -20.25 15.88 10.08
N LYS B 200 -21.09 16.34 9.15
CA LYS B 200 -20.65 17.11 8.01
C LYS B 200 -20.03 18.44 8.44
N GLU B 201 -20.63 19.03 9.49
CA GLU B 201 -20.12 20.27 10.04
C GLU B 201 -18.69 20.11 10.55
N GLN B 202 -18.44 18.99 11.23
CA GLN B 202 -17.10 18.71 11.73
C GLN B 202 -16.10 18.47 10.61
N LEU B 204 -16.26 19.71 7.69
CA LEU B 204 -16.00 20.99 7.02
C LEU B 204 -14.91 21.77 7.73
N THR B 205 -14.79 21.60 9.04
CA THR B 205 -13.75 22.31 9.79
C THR B 205 -12.36 21.81 9.46
N GLN B 206 -12.27 20.65 8.80
CA GLN B 206 -10.98 20.14 8.36
C GLN B 206 -10.54 20.71 7.00
N ILE B 207 -11.43 21.46 6.35
CA ILE B 207 -11.23 21.89 4.96
C ILE B 207 -11.05 23.40 4.88
N PRO B 208 -9.85 23.87 4.53
CA PRO B 208 -9.63 25.33 4.39
C PRO B 208 -10.65 26.04 3.47
N LEU B 209 -10.94 25.50 2.28
CA LEU B 209 -11.95 26.11 1.42
C LEU B 209 -13.36 26.08 2.02
N ALA B 210 -13.53 25.35 3.12
CA ALA B 210 -14.79 25.32 3.86
C ALA B 210 -15.98 24.85 3.04
N ARG B 211 -15.74 23.95 2.09
CA ARG B 211 -16.83 23.33 1.35
C ARG B 211 -16.38 21.94 0.90
N PHE B 212 -17.33 21.03 0.68
CA PHE B 212 -17.00 19.75 0.08
C PHE B 212 -16.72 19.93 -1.40
N GLY B 213 -15.92 19.06 -2.00
CA GLY B 213 -15.63 19.14 -3.42
C GLY B 213 -16.73 18.46 -4.22
N GLN B 214 -16.65 18.54 -5.54
CA GLN B 214 -17.67 17.96 -6.41
C GLN B 214 -16.99 16.95 -7.32
N ASP B 215 -17.79 16.02 -7.85
CA ASP B 215 -17.31 15.03 -8.81
C ASP B 215 -16.50 15.69 -9.91
N THR B 216 -17.01 16.83 -10.38
CA THR B 216 -16.41 17.52 -11.52
C THR B 216 -14.98 17.98 -11.21
N ASP B 217 -14.71 18.32 -9.94
CA ASP B 217 -13.36 18.71 -9.54
C ASP B 217 -12.39 17.54 -9.79
N ILE B 218 -12.83 16.34 -9.45
CA ILE B 218 -11.98 15.18 -9.67
C ILE B 218 -11.85 14.89 -11.17
N ALA B 219 -12.98 14.94 -11.88
CA ALA B 219 -12.98 14.64 -13.30
C ALA B 219 -12.09 15.61 -14.10
N ASN B 220 -12.15 16.89 -13.75
CA ASN B 220 -11.32 17.90 -14.41
C ASN B 220 -9.83 17.61 -14.27
N THR B 221 -9.43 17.15 -13.09
CA THR B 221 -8.02 16.84 -12.85
C THR B 221 -7.58 15.59 -13.61
N VAL B 222 -8.42 14.55 -13.58
CA VAL B 222 -8.14 13.34 -14.37
C VAL B 222 -8.00 13.69 -15.85
N ALA B 223 -8.91 14.50 -16.36
CA ALA B 223 -8.86 14.90 -17.77
C ALA B 223 -7.59 15.67 -18.10
N PHE B 224 -7.12 16.50 -17.18
CA PHE B 224 -5.86 17.23 -17.39
C PHE B 224 -4.70 16.24 -17.52
N LEU B 225 -4.64 15.27 -16.60
CA LEU B 225 -3.57 14.27 -16.62
C LEU B 225 -3.62 13.39 -17.88
N ALA B 226 -4.81 13.16 -18.43
CA ALA B 226 -4.95 12.33 -19.62
C ALA B 226 -4.68 13.10 -20.91
N SER B 227 -4.40 14.40 -20.80
CA SER B 227 -4.25 15.26 -21.97
C SER B 227 -2.79 15.47 -22.35
N ASP B 228 -2.57 15.99 -23.55
CA ASP B 228 -1.21 16.29 -24.02
C ASP B 228 -0.54 17.34 -23.14
N LYS B 229 -1.36 18.10 -22.41
CA LYS B 229 -0.85 19.16 -21.55
C LYS B 229 -0.10 18.62 -20.33
N ALA B 230 -0.21 17.32 -20.09
CA ALA B 230 0.41 16.70 -18.91
C ALA B 230 1.45 15.64 -19.29
N LYS B 231 2.00 15.74 -20.49
CA LYS B 231 2.90 14.69 -20.98
C LYS B 231 4.24 14.57 -20.23
N TYR B 232 4.62 15.58 -19.44
CA TYR B 232 5.86 15.54 -18.68
C TYR B 232 5.64 15.25 -17.19
N ILE B 233 4.40 14.92 -16.85
CA ILE B 233 4.05 14.62 -15.48
C ILE B 233 3.86 13.11 -15.33
N THR B 234 4.65 12.49 -14.47
CA THR B 234 4.46 11.07 -14.24
C THR B 234 4.92 10.67 -12.84
N GLY B 235 4.30 9.64 -12.28
CA GLY B 235 4.59 9.20 -10.93
C GLY B 235 3.99 10.07 -9.84
N GLN B 236 3.14 11.04 -10.22
CA GLN B 236 2.64 12.03 -9.26
C GLN B 236 1.28 11.70 -8.69
N THR B 237 1.02 12.16 -7.48
CA THR B 237 -0.31 12.10 -6.90
C THR B 237 -0.82 13.53 -6.73
N ILE B 238 -1.91 13.86 -7.43
CA ILE B 238 -2.50 15.19 -7.32
C ILE B 238 -3.63 15.18 -6.30
N HIS B 239 -3.47 15.94 -5.22
CA HIS B 239 -4.47 15.99 -4.17
C HIS B 239 -5.50 17.08 -4.46
N VAL B 240 -6.76 16.68 -4.52
CA VAL B 240 -7.84 17.60 -4.87
C VAL B 240 -8.80 17.58 -3.68
N ASN B 241 -8.53 18.45 -2.71
CA ASN B 241 -9.11 18.24 -1.39
C ASN B 241 -9.40 19.52 -0.63
N GLY B 242 -9.37 20.65 -1.34
CA GLY B 242 -9.78 21.90 -0.74
C GLY B 242 -8.81 22.37 0.35
N GLY B 243 -7.63 21.75 0.37
CA GLY B 243 -6.58 22.12 1.30
C GLY B 243 -6.53 21.29 2.58
N TYR B 245 -5.32 18.45 3.13
CA TYR B 245 -4.01 17.84 3.25
C TYR B 245 -3.08 18.51 2.25
#